data_4GWK
#
_entry.id   4GWK
#
_cell.length_a   87.246
_cell.length_b   87.246
_cell.length_c   130.424
_cell.angle_alpha   90.00
_cell.angle_beta   90.00
_cell.angle_gamma   90.00
#
_symmetry.space_group_name_H-M   'P 43 21 2'
#
loop_
_entity.id
_entity.type
_entity.pdbx_description
1 polymer '6-phosphogluconate dehydrogenase, decarboxylating'
2 non-polymer '3-PHOSPHOGLYCERIC ACID'
3 non-polymer '2-(N-MORPHOLINO)-ETHANESULFONIC ACID'
4 water water
#
_entity_poly.entity_id   1
_entity_poly.type   'polypeptide(L)'
_entity_poly.pdbx_seq_one_letter_code
;SNAQADIALIGLAVMGQNLILNMNDHGFVVCAFNRTVSKVDDFLANEAKGTKVVGAQSLKEMVSKLKKPRRIILLVKAGQ
AVDDFIEKLVPLLDTGDIIIDGGNSEYRDTTRRCRDLKAKGILFVGSGVSGGEEGARYGPSLMPGGNKEAWPHIKTIFQG
IAAKVGTGEPCCDWVGDEGAGHFVKMVHNGIEYGDMQLICEAYHLMKDVLGMAQDEMAQAFEDWNKTELDSFLIEITANI
LKFQDTDGKHLLPKIRDSAGQKGTGKWTAISALEYGVPVTLIGEAVFARCLSSLKDERIQASKKLKGPQKFQFDGDKKSF
LEDIRKALYASKIISYAQGFMLLRQAATEFGWTLNYGGIALMWRGGCIIRSVFLGKIKDAFDRNPELQNLLLDDFFKSAV
ENCQDSWRRAVSTGVQAGIPMPCFTTALSFYDGYRHEMLPASLIQAQRDYFGAHTYELLAKPGQFIHTNWTGHGGTVSSS
SYNA
;
_entity_poly.pdbx_strand_id   A
#
loop_
_chem_comp.id
_chem_comp.type
_chem_comp.name
_chem_comp.formula
3PG non-polymer '3-PHOSPHOGLYCERIC ACID' 'C3 H7 O7 P'
MES non-polymer '2-(N-MORPHOLINO)-ETHANESULFONIC ACID' 'C6 H13 N O4 S'
#
# COMPACT_ATOMS: atom_id res chain seq x y z
N ALA A 3 19.19 -33.22 -9.27
CA ALA A 3 18.24 -32.18 -8.93
C ALA A 3 17.83 -32.26 -7.47
N GLN A 4 18.69 -31.76 -6.58
CA GLN A 4 18.37 -31.76 -5.15
C GLN A 4 17.84 -30.44 -4.55
N ALA A 5 17.80 -29.35 -5.30
CA ALA A 5 17.34 -28.09 -4.71
C ALA A 5 15.87 -27.85 -5.00
N ASP A 6 15.15 -27.36 -4.00
CA ASP A 6 13.73 -27.08 -4.15
C ASP A 6 13.47 -25.83 -4.99
N ILE A 7 14.35 -24.84 -4.84
CA ILE A 7 14.12 -23.55 -5.45
C ILE A 7 15.45 -22.82 -5.57
N ALA A 8 15.53 -21.86 -6.48
CA ALA A 8 16.73 -21.03 -6.61
C ALA A 8 16.35 -19.58 -6.38
N LEU A 9 17.31 -18.79 -5.91
CA LEU A 9 17.12 -17.35 -5.86
C LEU A 9 18.36 -16.63 -6.41
N ILE A 10 18.11 -15.72 -7.34
CA ILE A 10 19.13 -14.90 -7.95
C ILE A 10 19.07 -13.49 -7.40
N GLY A 11 20.22 -13.09 -6.90
CA GLY A 11 20.66 -11.82 -6.38
C GLY A 11 20.72 -11.80 -4.87
N LEU A 12 21.94 -11.47 -4.52
CA LEU A 12 22.52 -11.66 -3.20
C LEU A 12 22.61 -10.46 -2.30
N ALA A 13 21.88 -9.40 -2.64
CA ALA A 13 21.82 -8.28 -1.72
C ALA A 13 21.04 -8.78 -0.50
N VAL A 14 20.85 -7.91 0.48
CA VAL A 14 20.32 -8.37 1.76
C VAL A 14 18.93 -8.98 1.65
N MET A 15 18.05 -8.37 0.85
CA MET A 15 16.71 -8.90 0.70
CA MET A 15 16.71 -8.88 0.69
C MET A 15 16.74 -10.35 0.22
N GLY A 16 17.50 -10.61 -0.83
CA GLY A 16 17.60 -11.96 -1.38
C GLY A 16 18.22 -12.95 -0.42
N GLN A 17 19.30 -12.54 0.22
CA GLN A 17 19.92 -13.39 1.23
C GLN A 17 18.93 -13.77 2.31
N ASN A 18 18.20 -12.78 2.81
CA ASN A 18 17.27 -13.02 3.89
C ASN A 18 16.12 -13.94 3.50
N LEU A 19 15.58 -13.76 2.29
CA LEU A 19 14.54 -14.67 1.80
C LEU A 19 15.09 -16.10 1.70
N ILE A 20 16.33 -16.22 1.20
CA ILE A 20 16.95 -17.54 1.12
C ILE A 20 17.03 -18.19 2.50
N LEU A 21 17.48 -17.44 3.49
CA LEU A 21 17.61 -17.98 4.84
C LEU A 21 16.25 -18.35 5.44
N ASN A 22 15.24 -17.55 5.15
CA ASN A 22 13.88 -17.83 5.56
C ASN A 22 13.43 -19.17 4.98
N MET A 23 13.61 -19.34 3.66
CA MET A 23 13.25 -20.60 3.03
C MET A 23 14.03 -21.77 3.64
N ASN A 24 15.32 -21.56 3.88
CA ASN A 24 16.14 -22.58 4.52
C ASN A 24 15.58 -22.98 5.88
N ASP A 25 15.19 -21.99 6.69
CA ASP A 25 14.69 -22.26 8.02
C ASP A 25 13.40 -23.06 7.98
N HIS A 26 12.66 -22.93 6.88
CA HIS A 26 11.42 -23.67 6.68
C HIS A 26 11.63 -25.03 6.03
N GLY A 27 12.90 -25.40 5.86
CA GLY A 27 13.26 -26.76 5.47
C GLY A 27 13.45 -26.97 3.98
N PHE A 28 13.47 -25.88 3.23
CA PHE A 28 13.65 -25.99 1.78
C PHE A 28 15.12 -25.86 1.44
N VAL A 29 15.56 -26.62 0.44
CA VAL A 29 16.92 -26.54 -0.05
C VAL A 29 16.97 -25.49 -1.16
N VAL A 30 17.74 -24.44 -0.94
CA VAL A 30 17.77 -23.31 -1.86
C VAL A 30 19.10 -23.24 -2.57
N CYS A 31 19.07 -23.04 -3.89
CA CYS A 31 20.30 -22.77 -4.62
C CYS A 31 20.46 -21.26 -4.80
N ALA A 32 21.55 -20.73 -4.27
CA ALA A 32 21.83 -19.30 -4.34
C ALA A 32 22.66 -18.98 -5.57
N PHE A 33 22.35 -17.88 -6.23
CA PHE A 33 23.15 -17.41 -7.36
C PHE A 33 23.22 -15.88 -7.40
N ASN A 34 24.28 -15.35 -8.00
CA ASN A 34 24.45 -13.91 -8.13
C ASN A 34 25.26 -13.63 -9.38
N ARG A 35 24.99 -12.51 -10.05
CA ARG A 35 25.71 -12.26 -11.30
C ARG A 35 27.20 -12.16 -11.09
N THR A 36 27.61 -11.55 -9.98
CA THR A 36 29.01 -11.63 -9.58
C THR A 36 29.07 -12.84 -8.67
N VAL A 37 29.70 -13.90 -9.16
CA VAL A 37 29.56 -15.21 -8.54
C VAL A 37 30.34 -15.33 -7.24
N SER A 38 31.35 -14.49 -7.05
CA SER A 38 32.12 -14.53 -5.82
C SER A 38 31.22 -14.27 -4.60
N LYS A 39 30.10 -13.60 -4.82
CA LYS A 39 29.18 -13.32 -3.72
C LYS A 39 28.50 -14.60 -3.25
N VAL A 40 28.35 -15.57 -4.14
CA VAL A 40 27.80 -16.86 -3.73
C VAL A 40 28.70 -17.50 -2.66
N ASP A 41 29.99 -17.57 -2.93
CA ASP A 41 30.94 -18.15 -1.96
C ASP A 41 30.92 -17.39 -0.65
N ASP A 42 30.85 -16.07 -0.74
CA ASP A 42 30.86 -15.23 0.44
C ASP A 42 29.64 -15.53 1.31
N PHE A 43 28.49 -15.60 0.65
CA PHE A 43 27.23 -15.90 1.34
C PHE A 43 27.32 -17.27 2.01
N LEU A 44 27.79 -18.27 1.27
CA LEU A 44 27.88 -19.61 1.82
C LEU A 44 28.83 -19.68 3.02
N ALA A 45 29.87 -18.85 3.00
CA ALA A 45 30.87 -18.87 4.07
C ALA A 45 30.44 -18.09 5.30
N ASN A 46 29.47 -17.19 5.13
CA ASN A 46 29.11 -16.32 6.24
C ASN A 46 27.65 -16.39 6.68
N GLU A 47 26.76 -15.71 5.96
CA GLU A 47 25.38 -15.62 6.45
C GLU A 47 24.69 -16.98 6.35
N ALA A 48 25.07 -17.76 5.33
CA ALA A 48 24.50 -19.09 5.11
C ALA A 48 25.35 -20.24 5.67
N LYS A 49 26.41 -19.92 6.40
CA LYS A 49 27.24 -20.97 6.99
C LYS A 49 26.40 -21.93 7.83
N GLY A 50 26.62 -23.23 7.63
CA GLY A 50 25.96 -24.26 8.43
C GLY A 50 24.53 -24.58 8.03
N THR A 51 24.06 -24.00 6.93
CA THR A 51 22.70 -24.22 6.45
C THR A 51 22.66 -25.26 5.33
N LYS A 52 21.46 -25.51 4.80
CA LYS A 52 21.29 -26.42 3.66
C LYS A 52 21.44 -25.71 2.31
N VAL A 53 21.70 -24.41 2.35
CA VAL A 53 21.83 -23.64 1.11
C VAL A 53 22.98 -24.17 0.25
N VAL A 54 22.75 -24.26 -1.06
CA VAL A 54 23.80 -24.66 -1.99
C VAL A 54 24.06 -23.51 -2.96
N GLY A 55 25.24 -23.48 -3.56
CA GLY A 55 25.58 -22.45 -4.52
C GLY A 55 25.60 -22.94 -5.96
N ALA A 56 25.68 -21.99 -6.89
CA ALA A 56 25.93 -22.32 -8.30
C ALA A 56 26.89 -21.30 -8.85
N GLN A 57 27.75 -21.72 -9.77
CA GLN A 57 28.73 -20.83 -10.38
C GLN A 57 28.32 -20.31 -11.77
N SER A 58 27.18 -20.78 -12.25
CA SER A 58 26.65 -20.32 -13.54
C SER A 58 25.15 -20.55 -13.55
N LEU A 59 24.44 -19.85 -14.43
CA LEU A 59 22.98 -20.07 -14.54
C LEU A 59 22.67 -21.49 -14.96
N LYS A 60 23.45 -22.03 -15.89
CA LYS A 60 23.24 -23.39 -16.34
C LYS A 60 23.35 -24.38 -15.17
N GLU A 61 24.37 -24.21 -14.33
CA GLU A 61 24.54 -25.08 -13.19
C GLU A 61 23.37 -24.92 -12.21
N MET A 62 23.01 -23.67 -11.94
CA MET A 62 21.87 -23.40 -11.05
C MET A 62 20.62 -24.15 -11.53
N VAL A 63 20.30 -24.01 -12.82
CA VAL A 63 19.13 -24.66 -13.38
C VAL A 63 19.20 -26.17 -13.21
N SER A 64 20.39 -26.74 -13.41
CA SER A 64 20.57 -28.18 -13.33
C SER A 64 20.27 -28.75 -11.95
N LYS A 65 20.45 -27.92 -10.92
CA LYS A 65 20.25 -28.38 -9.55
C LYS A 65 18.78 -28.41 -9.12
N LEU A 66 17.90 -27.87 -9.94
CA LEU A 66 16.52 -27.67 -9.51
C LEU A 66 15.55 -28.80 -9.82
N LYS A 67 14.74 -29.16 -8.83
CA LYS A 67 13.64 -30.11 -9.03
C LYS A 67 12.60 -29.52 -9.97
N LYS A 68 12.06 -30.33 -10.87
CA LYS A 68 11.06 -29.85 -11.83
C LYS A 68 9.64 -29.97 -11.27
N PRO A 69 8.76 -29.02 -11.61
CA PRO A 69 9.05 -27.82 -12.43
C PRO A 69 9.99 -26.88 -11.70
N ARG A 70 10.98 -26.38 -12.41
CA ARG A 70 11.99 -25.54 -11.79
C ARG A 70 11.40 -24.23 -11.31
N ARG A 71 11.82 -23.80 -10.13
CA ARG A 71 11.34 -22.53 -9.57
C ARG A 71 12.52 -21.63 -9.28
N ILE A 72 12.51 -20.46 -9.91
CA ILE A 72 13.61 -19.50 -9.78
C ILE A 72 13.09 -18.13 -9.40
N ILE A 73 13.51 -17.64 -8.25
CA ILE A 73 13.16 -16.29 -7.81
C ILE A 73 14.23 -15.31 -8.25
N LEU A 74 13.81 -14.19 -8.84
CA LEU A 74 14.71 -13.09 -9.13
C LEU A 74 14.52 -12.01 -8.08
N LEU A 75 15.55 -11.68 -7.30
CA LEU A 75 15.49 -10.44 -6.57
CA LEU A 75 15.49 -10.44 -6.56
C LEU A 75 16.68 -9.57 -6.96
N VAL A 76 16.49 -8.77 -7.98
CA VAL A 76 17.58 -7.98 -8.53
C VAL A 76 16.99 -6.63 -8.80
N LYS A 77 17.81 -5.70 -9.26
CA LYS A 77 17.36 -4.34 -9.44
C LYS A 77 16.28 -4.32 -10.53
N ALA A 78 15.17 -3.61 -10.26
CA ALA A 78 14.05 -3.59 -11.18
C ALA A 78 14.49 -2.96 -12.51
N GLY A 79 13.76 -3.28 -13.58
CA GLY A 79 14.18 -2.85 -14.90
C GLY A 79 14.99 -3.85 -15.69
N GLN A 80 15.94 -3.33 -16.46
CA GLN A 80 16.70 -4.13 -17.40
C GLN A 80 17.35 -5.39 -16.80
N ALA A 81 17.78 -5.33 -15.54
CA ALA A 81 18.42 -6.50 -14.94
C ALA A 81 17.48 -7.71 -14.91
N VAL A 82 16.19 -7.44 -14.70
CA VAL A 82 15.20 -8.52 -14.65
C VAL A 82 15.01 -9.12 -16.04
N ASP A 83 14.81 -8.25 -17.03
CA ASP A 83 14.66 -8.74 -18.41
C ASP A 83 15.91 -9.48 -18.88
N ASP A 84 17.07 -9.00 -18.49
CA ASP A 84 18.30 -9.71 -18.86
CA ASP A 84 18.28 -9.66 -18.94
C ASP A 84 18.47 -11.04 -18.31
N PHE A 85 18.08 -11.24 -17.07
CA PHE A 85 18.09 -12.58 -16.48
C PHE A 85 17.03 -13.48 -17.11
N ILE A 86 15.86 -12.92 -17.40
CA ILE A 86 14.82 -13.70 -18.07
C ILE A 86 15.32 -14.20 -19.42
N GLU A 87 15.94 -13.30 -20.19
CA GLU A 87 16.47 -13.66 -21.51
C GLU A 87 17.52 -14.76 -21.43
N LYS A 88 18.38 -14.69 -20.42
CA LYS A 88 19.39 -15.72 -20.23
C LYS A 88 18.81 -17.04 -19.74
N LEU A 89 17.74 -16.97 -18.94
CA LEU A 89 17.13 -18.18 -18.39
C LEU A 89 16.30 -18.98 -19.40
N VAL A 90 15.54 -18.30 -20.26
CA VAL A 90 14.59 -19.01 -21.12
C VAL A 90 15.22 -20.20 -21.88
N PRO A 91 16.36 -19.99 -22.55
CA PRO A 91 16.93 -21.10 -23.33
C PRO A 91 17.37 -22.27 -22.45
N LEU A 92 17.57 -22.03 -21.15
CA LEU A 92 18.01 -23.08 -20.24
C LEU A 92 16.87 -23.89 -19.64
N LEU A 93 15.64 -23.39 -19.75
CA LEU A 93 14.53 -24.00 -19.03
C LEU A 93 13.70 -24.93 -19.90
N ASP A 94 12.76 -25.61 -19.27
CA ASP A 94 11.85 -26.52 -19.94
C ASP A 94 10.44 -25.97 -19.82
N THR A 95 9.64 -26.35 -20.63
CA THR A 95 8.22 -26.04 -20.59
C THR A 95 7.66 -26.37 -19.22
N GLY A 96 6.96 -25.36 -18.66
CA GLY A 96 6.35 -25.52 -17.35
C GLY A 96 7.22 -25.02 -16.21
N ASP A 97 8.46 -24.68 -16.51
CA ASP A 97 9.32 -24.08 -15.49
C ASP A 97 8.82 -22.68 -15.13
N ILE A 98 9.24 -22.19 -13.97
CA ILE A 98 8.63 -21.04 -13.31
C ILE A 98 9.67 -20.00 -12.90
N ILE A 99 9.45 -18.76 -13.31
CA ILE A 99 10.28 -17.65 -12.87
C ILE A 99 9.41 -16.70 -12.05
N ILE A 100 9.89 -16.32 -10.86
CA ILE A 100 9.16 -15.41 -9.99
C ILE A 100 10.00 -14.15 -9.79
N ASP A 101 9.48 -13.02 -10.24
CA ASP A 101 10.16 -11.75 -9.96
C ASP A 101 9.61 -11.16 -8.67
N GLY A 102 10.43 -11.16 -7.63
CA GLY A 102 10.04 -10.60 -6.34
C GLY A 102 10.57 -9.19 -6.11
N GLY A 103 11.11 -8.58 -7.15
CA GLY A 103 11.65 -7.24 -7.03
C GLY A 103 10.57 -6.17 -7.07
N ASN A 104 10.99 -4.91 -7.03
CA ASN A 104 9.88 -3.92 -7.04
CA ASN A 104 10.22 -3.72 -7.06
C ASN A 104 9.73 -3.36 -8.45
N SER A 105 9.25 -4.28 -9.26
CA SER A 105 9.00 -4.03 -10.68
C SER A 105 7.71 -3.27 -10.95
N GLU A 106 7.70 -2.55 -12.06
CA GLU A 106 6.52 -1.83 -12.51
C GLU A 106 5.53 -2.81 -13.09
N TYR A 107 4.26 -2.68 -12.71
CA TYR A 107 3.28 -3.71 -13.03
C TYR A 107 3.09 -3.93 -14.53
N ARG A 108 3.29 -2.88 -15.34
CA ARG A 108 3.16 -3.06 -16.78
C ARG A 108 4.26 -3.97 -17.34
N ASP A 109 5.45 -3.89 -16.76
CA ASP A 109 6.53 -4.79 -17.17
C ASP A 109 6.18 -6.22 -16.80
N THR A 110 5.59 -6.39 -15.62
CA THR A 110 5.19 -7.71 -15.17
C THR A 110 4.13 -8.32 -16.08
N THR A 111 3.16 -7.50 -16.48
CA THR A 111 2.14 -7.97 -17.41
C THR A 111 2.77 -8.41 -18.74
N ARG A 112 3.66 -7.57 -19.26
CA ARG A 112 4.38 -7.89 -20.49
C ARG A 112 5.12 -9.22 -20.39
N ARG A 113 5.88 -9.38 -19.31
CA ARG A 113 6.69 -10.59 -19.14
C ARG A 113 5.79 -11.81 -19.00
N CYS A 114 4.71 -11.67 -18.24
CA CYS A 114 3.80 -12.78 -18.03
C CYS A 114 3.27 -13.29 -19.37
N ARG A 115 2.81 -12.37 -20.20
CA ARG A 115 2.26 -12.71 -21.52
C ARG A 115 3.31 -13.31 -22.44
N ASP A 116 4.47 -12.68 -22.48
CA ASP A 116 5.52 -13.12 -23.41
C ASP A 116 6.07 -14.48 -23.01
N LEU A 117 6.25 -14.70 -21.72
CA LEU A 117 6.78 -15.98 -21.27
C LEU A 117 5.75 -17.08 -21.43
N LYS A 118 4.48 -16.76 -21.19
CA LYS A 118 3.43 -17.76 -21.37
C LYS A 118 3.46 -18.31 -22.79
N ALA A 119 3.64 -17.43 -23.76
CA ALA A 119 3.69 -17.83 -25.17
C ALA A 119 4.88 -18.75 -25.45
N LYS A 120 5.90 -18.68 -24.60
CA LYS A 120 7.09 -19.53 -24.73
C LYS A 120 7.04 -20.78 -23.85
N GLY A 121 5.93 -20.97 -23.14
CA GLY A 121 5.76 -22.13 -22.28
C GLY A 121 6.38 -22.01 -20.90
N ILE A 122 6.74 -20.79 -20.52
CA ILE A 122 7.33 -20.52 -19.20
C ILE A 122 6.31 -19.78 -18.32
N LEU A 123 6.18 -20.20 -17.07
CA LEU A 123 5.18 -19.64 -16.16
C LEU A 123 5.81 -18.52 -15.35
N PHE A 124 5.23 -17.33 -15.41
CA PHE A 124 5.83 -16.17 -14.76
C PHE A 124 4.97 -15.64 -13.63
N VAL A 125 5.60 -15.35 -12.50
CA VAL A 125 4.91 -14.73 -11.36
C VAL A 125 5.62 -13.44 -11.02
N GLY A 126 4.92 -12.31 -11.02
CA GLY A 126 5.46 -11.16 -10.28
C GLY A 126 4.90 -11.11 -8.89
N SER A 127 5.74 -10.91 -7.90
CA SER A 127 5.25 -10.90 -6.53
C SER A 127 5.70 -9.65 -5.82
N GLY A 128 4.74 -8.95 -5.22
CA GLY A 128 5.09 -7.91 -4.29
C GLY A 128 5.73 -8.54 -3.05
N VAL A 129 6.64 -7.82 -2.43
CA VAL A 129 7.24 -8.26 -1.18
C VAL A 129 7.27 -7.07 -0.25
N SER A 130 6.70 -7.24 0.94
CA SER A 130 6.63 -6.16 1.91
C SER A 130 7.19 -6.62 3.25
N GLY A 131 7.68 -5.67 4.05
CA GLY A 131 8.31 -5.98 5.32
C GLY A 131 9.80 -5.71 5.41
N GLY A 132 10.42 -5.35 4.29
CA GLY A 132 11.82 -4.96 4.30
C GLY A 132 12.74 -6.11 4.65
N GLU A 133 13.96 -5.78 5.07
CA GLU A 133 14.98 -6.80 5.32
C GLU A 133 14.62 -7.75 6.47
N GLU A 134 14.09 -7.19 7.55
CA GLU A 134 13.70 -8.01 8.70
C GLU A 134 12.52 -8.90 8.32
N GLY A 135 11.56 -8.35 7.59
CA GLY A 135 10.44 -9.12 7.11
C GLY A 135 10.89 -10.25 6.20
N ALA A 136 11.78 -9.95 5.27
CA ALA A 136 12.24 -10.98 4.35
C ALA A 136 12.82 -12.14 5.12
N ARG A 137 13.53 -11.83 6.20
CA ARG A 137 14.19 -12.85 6.98
C ARG A 137 13.24 -13.75 7.78
N TYR A 138 12.36 -13.16 8.59
CA TYR A 138 11.39 -13.95 9.37
C TYR A 138 9.90 -14.14 9.00
N GLY A 139 9.29 -13.20 8.29
CA GLY A 139 8.34 -13.50 7.26
C GLY A 139 7.82 -12.21 6.67
N PRO A 140 7.81 -12.21 5.37
CA PRO A 140 7.32 -11.15 4.50
C PRO A 140 5.84 -11.25 4.30
N SER A 141 5.22 -10.14 3.94
CA SER A 141 3.96 -10.28 3.21
C SER A 141 4.33 -10.46 1.75
N LEU A 142 3.68 -11.43 1.10
CA LEU A 142 3.96 -11.71 -0.31
C LEU A 142 2.68 -11.57 -1.12
N MET A 143 2.79 -10.90 -2.27
CA MET A 143 1.63 -10.59 -3.09
C MET A 143 1.84 -11.12 -4.51
N PRO A 144 1.79 -12.45 -4.66
CA PRO A 144 2.04 -13.03 -5.99
C PRO A 144 0.88 -12.91 -6.96
N GLY A 145 1.20 -12.56 -8.20
CA GLY A 145 0.24 -12.56 -9.29
C GLY A 145 0.97 -12.91 -10.55
N GLY A 146 0.25 -13.18 -11.64
CA GLY A 146 1.00 -13.75 -12.72
C GLY A 146 0.18 -14.73 -13.50
N ASN A 147 0.92 -15.74 -13.94
CA ASN A 147 0.32 -16.89 -14.58
C ASN A 147 -0.04 -17.89 -13.48
N LYS A 148 -1.35 -18.07 -13.28
CA LYS A 148 -1.82 -18.85 -12.12
C LYS A 148 -1.48 -20.33 -12.22
N GLU A 149 -1.05 -20.78 -13.41
CA GLU A 149 -0.61 -22.16 -13.56
C GLU A 149 0.55 -22.43 -12.61
N ALA A 150 1.30 -21.37 -12.27
CA ALA A 150 2.43 -21.52 -11.35
C ALA A 150 2.02 -21.64 -9.88
N TRP A 151 0.84 -21.15 -9.53
CA TRP A 151 0.48 -21.03 -8.12
C TRP A 151 0.55 -22.34 -7.33
N PRO A 152 -0.04 -23.43 -7.84
CA PRO A 152 0.02 -24.68 -7.07
C PRO A 152 1.45 -25.13 -6.78
N HIS A 153 2.39 -24.73 -7.64
CA HIS A 153 3.79 -25.10 -7.47
C HIS A 153 4.61 -24.23 -6.51
N ILE A 154 4.24 -22.96 -6.36
CA ILE A 154 4.92 -22.11 -5.40
C ILE A 154 4.22 -21.88 -4.07
N LYS A 155 2.98 -22.35 -3.96
CA LYS A 155 2.14 -22.02 -2.81
C LYS A 155 2.74 -22.51 -1.49
N THR A 156 3.28 -23.73 -1.49
CA THR A 156 3.78 -24.30 -0.26
C THR A 156 4.96 -23.51 0.31
N ILE A 157 5.91 -23.17 -0.54
CA ILE A 157 7.07 -22.40 -0.12
C ILE A 157 6.68 -20.97 0.26
N PHE A 158 5.88 -20.33 -0.61
CA PHE A 158 5.53 -18.93 -0.40
C PHE A 158 4.64 -18.71 0.84
N GLN A 159 3.64 -19.55 1.03
CA GLN A 159 2.81 -19.43 2.23
C GLN A 159 3.57 -19.88 3.48
N GLY A 160 4.47 -20.83 3.31
CA GLY A 160 5.28 -21.31 4.42
C GLY A 160 6.17 -20.23 5.02
N ILE A 161 6.85 -19.47 4.17
CA ILE A 161 7.74 -18.42 4.67
C ILE A 161 7.03 -17.11 5.02
N ALA A 162 5.81 -16.94 4.51
CA ALA A 162 5.08 -15.69 4.72
C ALA A 162 4.80 -15.42 6.20
N ALA A 163 4.71 -14.15 6.55
CA ALA A 163 4.17 -13.74 7.84
C ALA A 163 2.80 -14.38 8.04
N LYS A 164 2.50 -14.75 9.27
CA LYS A 164 1.16 -15.24 9.62
C LYS A 164 0.43 -14.23 10.49
N VAL A 165 -0.90 -14.19 10.39
CA VAL A 165 -1.66 -13.46 11.38
C VAL A 165 -1.91 -14.37 12.58
N GLY A 166 -2.52 -13.82 13.63
CA GLY A 166 -2.59 -14.52 14.91
C GLY A 166 -3.50 -15.73 14.91
N THR A 167 -4.36 -15.82 13.90
CA THR A 167 -5.25 -16.95 13.72
C THR A 167 -4.61 -18.01 12.82
N GLY A 168 -3.42 -17.70 12.31
CA GLY A 168 -2.64 -18.66 11.56
C GLY A 168 -2.61 -18.52 10.04
N GLU A 169 -3.50 -17.71 9.46
CA GLU A 169 -3.52 -17.57 8.01
C GLU A 169 -2.24 -16.88 7.51
N PRO A 170 -1.68 -17.38 6.40
CA PRO A 170 -0.46 -16.77 5.86
C PRO A 170 -0.76 -15.45 5.14
N CYS A 171 0.10 -14.44 5.20
CA CYS A 171 -0.31 -13.30 4.42
C CYS A 171 0.47 -13.45 3.13
N CYS A 172 -0.11 -14.33 2.33
CA CYS A 172 0.25 -14.54 0.97
C CYS A 172 -0.89 -15.39 0.42
N ASP A 173 -1.41 -15.03 -0.74
CA ASP A 173 -2.39 -15.84 -1.43
C ASP A 173 -2.30 -15.33 -2.87
N TRP A 174 -2.85 -16.09 -3.81
CA TRP A 174 -2.81 -15.64 -5.18
C TRP A 174 -3.61 -14.33 -5.33
N VAL A 175 -2.95 -13.31 -5.86
CA VAL A 175 -3.59 -12.01 -6.04
C VAL A 175 -4.48 -11.96 -7.27
N GLY A 176 -3.97 -12.44 -8.39
CA GLY A 176 -4.68 -12.34 -9.66
C GLY A 176 -3.74 -12.33 -10.83
N ASP A 177 -4.28 -12.02 -12.01
CA ASP A 177 -3.59 -12.21 -13.28
C ASP A 177 -2.44 -11.23 -13.54
N GLU A 178 -1.45 -11.70 -14.28
CA GLU A 178 -0.49 -10.80 -14.92
C GLU A 178 0.20 -9.91 -13.90
N GLY A 179 0.16 -8.59 -14.11
CA GLY A 179 0.82 -7.66 -13.20
C GLY A 179 0.08 -7.35 -11.91
N ALA A 180 -0.99 -8.08 -11.61
CA ALA A 180 -1.81 -7.75 -10.44
C ALA A 180 -1.08 -7.70 -9.11
N GLY A 181 -0.14 -8.61 -8.88
CA GLY A 181 0.62 -8.62 -7.64
C GLY A 181 1.43 -7.35 -7.47
N HIS A 182 2.11 -6.94 -8.53
CA HIS A 182 2.89 -5.70 -8.46
C HIS A 182 2.00 -4.45 -8.44
N PHE A 183 0.84 -4.53 -9.08
CA PHE A 183 -0.11 -3.42 -9.01
C PHE A 183 -0.59 -3.25 -7.57
N VAL A 184 -0.90 -4.38 -6.93
CA VAL A 184 -1.31 -4.36 -5.53
C VAL A 184 -0.21 -3.81 -4.60
N LYS A 185 1.05 -4.18 -4.84
CA LYS A 185 2.15 -3.61 -4.07
C LYS A 185 2.19 -2.09 -4.24
N MET A 186 1.97 -1.62 -5.46
CA MET A 186 1.97 -0.18 -5.71
CA MET A 186 1.97 -0.18 -5.72
C MET A 186 0.88 0.52 -4.92
N VAL A 187 -0.33 -0.02 -4.94
CA VAL A 187 -1.41 0.61 -4.20
C VAL A 187 -1.13 0.60 -2.70
N HIS A 188 -0.57 -0.51 -2.21
CA HIS A 188 -0.16 -0.61 -0.82
C HIS A 188 0.78 0.53 -0.44
N ASN A 189 1.69 0.88 -1.35
CA ASN A 189 2.61 1.99 -1.09
C ASN A 189 1.87 3.32 -0.93
N GLY A 190 0.88 3.57 -1.78
CA GLY A 190 0.08 4.77 -1.65
C GLY A 190 -0.77 4.79 -0.40
N ILE A 191 -1.39 3.65 -0.08
CA ILE A 191 -2.19 3.53 1.13
C ILE A 191 -1.36 3.90 2.36
N GLU A 192 -0.11 3.44 2.39
CA GLU A 192 0.80 3.78 3.48
C GLU A 192 0.95 5.29 3.66
N TYR A 193 1.14 6.02 2.57
CA TYR A 193 1.20 7.49 2.66
C TYR A 193 -0.04 8.05 3.32
N GLY A 194 -1.21 7.53 2.94
CA GLY A 194 -2.46 8.02 3.49
C GLY A 194 -2.55 7.79 4.99
N ASP A 195 -2.17 6.60 5.44
CA ASP A 195 -2.28 6.29 6.86
C ASP A 195 -1.37 7.19 7.70
N MET A 196 -0.16 7.41 7.20
CA MET A 196 0.80 8.25 7.91
C MET A 196 0.31 9.71 7.96
N GLN A 197 -0.21 10.22 6.84
CA GLN A 197 -0.68 11.60 6.83
C GLN A 197 -1.88 11.77 7.77
N LEU A 198 -2.77 10.77 7.79
CA LEU A 198 -3.92 10.83 8.69
C LEU A 198 -3.50 10.95 10.15
N ILE A 199 -2.52 10.13 10.55
CA ILE A 199 -2.00 10.18 11.91
C ILE A 199 -1.39 11.55 12.19
N CYS A 200 -0.70 12.11 11.20
CA CYS A 200 -0.14 13.46 11.36
C CYS A 200 -1.22 14.52 11.62
N GLU A 201 -2.34 14.44 10.90
CA GLU A 201 -3.40 15.44 11.08
C GLU A 201 -4.03 15.30 12.47
N ALA A 202 -4.21 14.06 12.92
CA ALA A 202 -4.71 13.83 14.28
C ALA A 202 -3.76 14.44 15.31
N TYR A 203 -2.47 14.17 15.12
CA TYR A 203 -1.43 14.73 15.98
C TYR A 203 -1.48 16.27 16.00
N HIS A 204 -1.59 16.87 14.82
CA HIS A 204 -1.60 18.32 14.72
C HIS A 204 -2.79 18.90 15.50
N LEU A 205 -3.95 18.25 15.41
CA LEU A 205 -5.13 18.71 16.14
C LEU A 205 -4.91 18.57 17.67
N MET A 206 -4.38 17.43 18.10
CA MET A 206 -4.06 17.26 19.53
C MET A 206 -3.15 18.36 20.02
N LYS A 207 -2.13 18.64 19.23
CA LYS A 207 -1.08 19.55 19.66
C LYS A 207 -1.54 21.00 19.64
N ASP A 208 -2.08 21.44 18.50
CA ASP A 208 -2.44 22.84 18.36
C ASP A 208 -3.88 23.26 18.67
N VAL A 209 -4.85 22.35 18.63
CA VAL A 209 -6.19 22.66 19.14
C VAL A 209 -6.35 22.39 20.62
N LEU A 210 -5.88 21.20 21.03
CA LEU A 210 -6.05 20.77 22.42
C LEU A 210 -4.87 21.11 23.33
N GLY A 211 -3.78 21.63 22.74
CA GLY A 211 -2.65 22.08 23.52
C GLY A 211 -2.03 20.99 24.38
N MET A 212 -2.02 19.77 23.84
CA MET A 212 -1.57 18.61 24.61
C MET A 212 -0.05 18.51 24.70
N ALA A 213 0.43 17.94 25.80
CA ALA A 213 1.85 17.69 26.00
C ALA A 213 2.28 16.48 25.18
N GLN A 214 3.58 16.37 24.91
CA GLN A 214 4.09 15.29 24.06
C GLN A 214 3.74 13.90 24.63
N ASP A 215 3.97 13.69 25.93
CA ASP A 215 3.72 12.37 26.51
C ASP A 215 2.23 12.11 26.62
N GLU A 216 1.46 13.19 26.73
CA GLU A 216 0.00 13.08 26.77
C GLU A 216 -0.54 12.61 25.43
N MET A 217 0.03 13.14 24.36
CA MET A 217 -0.33 12.70 23.02
C MET A 217 0.14 11.27 22.76
N ALA A 218 1.31 10.91 23.29
CA ALA A 218 1.75 9.52 23.22
C ALA A 218 0.71 8.61 23.87
N GLN A 219 0.26 8.98 25.06
CA GLN A 219 -0.73 8.16 25.76
C GLN A 219 -2.06 8.09 25.01
N ALA A 220 -2.45 9.19 24.36
CA ALA A 220 -3.68 9.18 23.59
C ALA A 220 -3.59 8.16 22.46
N PHE A 221 -2.48 8.17 21.73
CA PHE A 221 -2.29 7.20 20.66
C PHE A 221 -2.23 5.76 21.20
N GLU A 222 -1.58 5.59 22.35
CA GLU A 222 -1.53 4.28 22.98
C GLU A 222 -2.95 3.79 23.30
N ASP A 223 -3.75 4.67 23.88
CA ASP A 223 -5.13 4.34 24.20
C ASP A 223 -5.92 4.01 22.94
N TRP A 224 -5.72 4.81 21.90
CA TRP A 224 -6.40 4.59 20.63
C TRP A 224 -6.05 3.25 20.04
N ASN A 225 -4.84 2.78 20.32
CA ASN A 225 -4.38 1.52 19.75
C ASN A 225 -5.05 0.31 20.38
N LYS A 226 -5.81 0.53 21.45
CA LYS A 226 -6.54 -0.56 22.09
C LYS A 226 -7.90 -0.73 21.43
N THR A 227 -8.28 0.26 20.61
CA THR A 227 -9.56 0.35 19.90
C THR A 227 -9.57 -0.24 18.51
N GLU A 228 -10.63 0.11 17.78
CA GLU A 228 -10.76 -0.20 16.37
C GLU A 228 -9.53 0.24 15.57
N LEU A 229 -8.77 1.21 16.06
CA LEU A 229 -7.63 1.74 15.32
C LEU A 229 -6.34 0.94 15.46
N ASP A 230 -6.39 -0.17 16.20
CA ASP A 230 -5.19 -0.91 16.59
C ASP A 230 -4.39 -1.19 15.31
N SER A 231 -3.17 -0.66 15.29
CA SER A 231 -2.32 -0.77 14.10
C SER A 231 -0.86 -0.50 14.45
N PHE A 232 0.04 -0.99 13.61
CA PHE A 232 1.46 -0.79 13.83
C PHE A 232 1.84 0.69 13.77
N LEU A 233 1.27 1.42 12.80
CA LEU A 233 1.64 2.82 12.66
C LEU A 233 1.26 3.63 13.89
N ILE A 234 0.13 3.32 14.50
CA ILE A 234 -0.25 4.02 15.72
C ILE A 234 0.65 3.61 16.89
N GLU A 235 1.01 2.33 16.96
CA GLU A 235 1.95 1.85 17.98
C GLU A 235 3.26 2.64 17.95
N ILE A 236 3.86 2.75 16.77
CA ILE A 236 5.17 3.39 16.69
C ILE A 236 5.05 4.90 16.89
N THR A 237 3.91 5.46 16.50
CA THR A 237 3.67 6.89 16.74
C THR A 237 3.70 7.21 18.23
N ALA A 238 3.03 6.40 19.05
CA ALA A 238 3.04 6.61 20.49
C ALA A 238 4.47 6.56 21.03
N ASN A 239 5.23 5.57 20.56
CA ASN A 239 6.62 5.41 21.02
C ASN A 239 7.48 6.60 20.62
N ILE A 240 7.29 7.08 19.39
CA ILE A 240 8.03 8.23 18.90
C ILE A 240 7.73 9.47 19.74
N LEU A 241 6.46 9.70 20.05
CA LEU A 241 6.05 10.89 20.79
C LEU A 241 6.65 10.98 22.20
N LYS A 242 6.87 9.84 22.83
CA LYS A 242 7.41 9.85 24.18
C LYS A 242 8.93 9.75 24.22
N PHE A 243 9.56 9.60 23.05
CA PHE A 243 11.00 9.37 23.02
C PHE A 243 11.79 10.62 23.39
N GLN A 244 12.68 10.48 24.37
CA GLN A 244 13.50 11.61 24.80
C GLN A 244 14.94 11.50 24.28
N ASP A 245 15.47 12.64 23.85
CA ASP A 245 16.85 12.73 23.41
C ASP A 245 17.77 12.65 24.62
N THR A 246 19.07 12.69 24.37
CA THR A 246 20.08 12.53 25.42
CA THR A 246 20.06 12.52 25.43
C THR A 246 20.04 13.66 26.45
N ASP A 247 19.53 14.81 26.04
CA ASP A 247 19.47 15.99 26.92
C ASP A 247 18.16 16.06 27.72
N GLY A 248 17.32 15.03 27.59
CA GLY A 248 16.07 14.99 28.32
C GLY A 248 14.92 15.66 27.60
N LYS A 249 15.22 16.36 26.51
CA LYS A 249 14.17 16.97 25.68
C LYS A 249 13.60 15.95 24.70
N HIS A 250 12.32 16.08 24.39
CA HIS A 250 11.72 15.22 23.37
C HIS A 250 12.43 15.37 22.04
N LEU A 251 12.66 14.26 21.36
CA LEU A 251 13.38 14.27 20.07
C LEU A 251 12.53 14.78 18.91
N LEU A 252 11.26 14.38 18.83
CA LEU A 252 10.44 14.71 17.66
C LEU A 252 10.42 16.22 17.34
N PRO A 253 10.25 17.08 18.36
CA PRO A 253 10.21 18.52 18.05
C PRO A 253 11.50 19.05 17.41
N LYS A 254 12.60 18.30 17.52
CA LYS A 254 13.88 18.72 16.94
C LYS A 254 14.01 18.37 15.47
N ILE A 255 13.10 17.53 14.97
CA ILE A 255 13.22 16.94 13.63
C ILE A 255 12.66 17.86 12.54
N ARG A 256 13.41 17.97 11.45
CA ARG A 256 13.02 18.81 10.32
C ARG A 256 11.75 18.29 9.67
N ASP A 257 10.77 19.17 9.40
CA ASP A 257 9.55 18.60 8.87
C ASP A 257 9.56 18.81 7.37
N SER A 258 10.20 17.87 6.70
CA SER A 258 10.21 17.80 5.25
C SER A 258 10.22 16.34 4.87
N ALA A 259 9.15 15.87 4.22
CA ALA A 259 8.99 14.46 3.91
C ALA A 259 9.32 14.03 2.48
N GLY A 260 9.70 14.99 1.64
CA GLY A 260 10.18 14.69 0.28
C GLY A 260 9.16 14.88 -0.83
N GLN A 261 9.63 15.32 -2.01
CA GLN A 261 8.79 15.49 -3.20
C GLN A 261 8.82 14.36 -4.23
N LYS A 262 9.77 13.45 -4.06
CA LYS A 262 10.04 12.40 -5.05
C LYS A 262 9.52 11.00 -4.76
N GLY A 263 8.82 10.83 -3.63
CA GLY A 263 8.53 9.50 -3.14
C GLY A 263 7.62 8.64 -4.00
N THR A 264 7.77 7.33 -3.87
CA THR A 264 7.04 6.36 -4.69
C THR A 264 5.51 6.40 -4.55
N GLY A 265 5.00 6.99 -3.47
CA GLY A 265 3.56 7.06 -3.28
C GLY A 265 2.87 7.77 -4.42
N LYS A 266 3.61 8.63 -5.12
CA LYS A 266 3.05 9.40 -6.23
CA LYS A 266 3.01 9.39 -6.20
C LYS A 266 2.43 8.48 -7.29
N TRP A 267 3.00 7.29 -7.46
CA TRP A 267 2.53 6.40 -8.53
C TRP A 267 1.11 5.90 -8.35
N THR A 268 0.67 5.78 -7.09
CA THR A 268 -0.70 5.39 -6.83
C THR A 268 -1.67 6.50 -7.24
N ALA A 269 -1.32 7.75 -6.90
CA ALA A 269 -2.15 8.88 -7.28
C ALA A 269 -2.17 9.09 -8.80
N ILE A 270 -1.01 8.90 -9.43
CA ILE A 270 -0.94 8.99 -10.88
C ILE A 270 -1.78 7.90 -11.52
N SER A 271 -1.69 6.68 -10.99
CA SER A 271 -2.51 5.59 -11.49
C SER A 271 -4.00 5.95 -11.39
N ALA A 272 -4.39 6.48 -10.24
CA ALA A 272 -5.80 6.87 -10.07
C ALA A 272 -6.23 7.85 -11.15
N LEU A 273 -5.40 8.84 -11.45
CA LEU A 273 -5.74 9.83 -12.47
C LEU A 273 -5.80 9.19 -13.86
N GLU A 274 -4.85 8.30 -14.14
CA GLU A 274 -4.84 7.61 -15.44
C GLU A 274 -6.13 6.82 -15.66
N TYR A 275 -6.55 6.11 -14.63
CA TYR A 275 -7.71 5.22 -14.73
C TYR A 275 -9.05 5.89 -14.39
N GLY A 276 -9.00 7.16 -14.00
CA GLY A 276 -10.23 7.89 -13.71
C GLY A 276 -10.93 7.51 -12.42
N VAL A 277 -10.16 7.14 -11.41
CA VAL A 277 -10.69 6.71 -10.11
C VAL A 277 -10.44 7.79 -9.07
N PRO A 278 -11.48 8.20 -8.33
CA PRO A 278 -11.28 9.31 -7.37
C PRO A 278 -10.53 8.88 -6.11
N VAL A 279 -9.22 8.66 -6.19
CA VAL A 279 -8.55 8.22 -4.96
C VAL A 279 -7.96 9.52 -4.45
N THR A 280 -8.80 10.22 -3.69
CA THR A 280 -8.47 11.59 -3.35
C THR A 280 -7.55 11.68 -2.15
N LEU A 281 -7.70 10.75 -1.22
CA LEU A 281 -6.96 10.86 0.03
C LEU A 281 -5.47 10.60 -0.18
N ILE A 282 -5.14 9.52 -0.90
CA ILE A 282 -3.74 9.25 -1.20
C ILE A 282 -3.15 10.41 -2.00
N GLY A 283 -3.93 10.98 -2.93
CA GLY A 283 -3.47 12.14 -3.67
C GLY A 283 -3.09 13.28 -2.73
N GLU A 284 -3.96 13.60 -1.77
CA GLU A 284 -3.67 14.66 -0.82
C GLU A 284 -2.48 14.30 0.07
N ALA A 285 -2.32 13.03 0.40
CA ALA A 285 -1.19 12.63 1.24
C ALA A 285 0.13 12.84 0.49
N VAL A 286 0.16 12.48 -0.79
CA VAL A 286 1.37 12.71 -1.59
C VAL A 286 1.65 14.22 -1.69
N PHE A 287 0.64 14.99 -2.04
CA PHE A 287 0.82 16.44 -2.14
C PHE A 287 1.23 17.06 -0.79
N ALA A 288 0.78 16.50 0.32
CA ALA A 288 1.19 17.02 1.64
C ALA A 288 2.68 16.80 1.88
N ARG A 289 3.21 15.66 1.45
CA ARG A 289 4.65 15.48 1.55
C ARG A 289 5.36 16.53 0.70
N CYS A 290 4.86 16.74 -0.53
CA CYS A 290 5.45 17.76 -1.40
C CYS A 290 5.45 19.13 -0.75
N LEU A 291 4.32 19.50 -0.15
CA LEU A 291 4.20 20.79 0.52
C LEU A 291 5.18 20.90 1.69
N SER A 292 5.32 19.82 2.44
CA SER A 292 6.26 19.82 3.57
C SER A 292 7.69 20.06 3.10
N SER A 293 8.01 19.62 1.89
CA SER A 293 9.38 19.75 1.35
C SER A 293 9.76 21.20 0.98
N LEU A 294 8.76 22.06 0.97
CA LEU A 294 8.86 23.48 0.66
C LEU A 294 9.27 24.28 1.90
N LYS A 295 9.99 23.63 2.80
CA LYS A 295 10.31 24.21 4.10
C LYS A 295 10.78 25.68 4.08
N ASP A 296 11.75 26.04 3.23
CA ASP A 296 12.19 27.44 3.21
C ASP A 296 11.07 28.37 2.76
N GLU A 297 10.28 27.91 1.78
CA GLU A 297 9.16 28.70 1.30
C GLU A 297 8.14 28.90 2.41
N ARG A 298 7.91 27.87 3.21
CA ARG A 298 6.96 27.98 4.31
C ARG A 298 7.47 28.89 5.44
N ILE A 299 8.77 28.85 5.71
CA ILE A 299 9.34 29.78 6.69
C ILE A 299 9.04 31.19 6.22
N GLN A 300 9.33 31.48 4.95
CA GLN A 300 9.05 32.82 4.42
C GLN A 300 7.57 33.16 4.46
N ALA A 301 6.72 32.21 4.07
CA ALA A 301 5.29 32.44 4.04
C ALA A 301 4.74 32.73 5.44
N SER A 302 5.29 32.06 6.45
CA SER A 302 4.80 32.21 7.81
C SER A 302 5.03 33.61 8.36
N LYS A 303 5.94 34.36 7.75
CA LYS A 303 6.22 35.73 8.18
C LYS A 303 5.29 36.76 7.54
N LYS A 304 4.56 36.32 6.53
CA LYS A 304 3.75 37.16 5.64
C LYS A 304 2.25 36.89 5.80
N LEU A 305 1.89 35.63 5.60
CA LEU A 305 0.51 35.16 5.62
C LEU A 305 -0.04 34.90 7.02
N LYS A 306 -1.25 35.38 7.27
CA LYS A 306 -1.89 35.24 8.58
C LYS A 306 -2.93 34.14 8.59
N GLY A 307 -3.06 33.50 9.74
CA GLY A 307 -4.17 32.60 10.00
C GLY A 307 -5.31 33.32 10.70
N PRO A 308 -6.25 32.55 11.27
CA PRO A 308 -7.42 33.12 11.95
C PRO A 308 -7.05 33.85 13.23
N PHE A 311 -8.72 32.39 17.51
CA PHE A 311 -9.34 31.13 17.88
C PHE A 311 -8.82 30.57 19.20
N GLN A 312 -9.73 30.14 20.06
CA GLN A 312 -9.38 29.46 21.31
C GLN A 312 -10.37 28.32 21.58
N PHE A 313 -9.87 27.13 21.91
CA PHE A 313 -10.78 26.00 22.09
C PHE A 313 -11.44 26.10 23.45
N ASP A 314 -12.76 26.27 23.44
CA ASP A 314 -13.53 26.37 24.68
C ASP A 314 -14.29 25.12 25.14
N GLY A 315 -14.22 24.04 24.36
CA GLY A 315 -15.06 22.88 24.61
C GLY A 315 -14.57 21.89 25.65
N ASP A 316 -15.10 20.67 25.61
CA ASP A 316 -14.65 19.60 26.48
C ASP A 316 -13.52 18.83 25.80
N LYS A 317 -12.35 18.81 26.42
CA LYS A 317 -11.17 18.22 25.81
C LYS A 317 -11.29 16.73 25.51
N LYS A 318 -11.73 15.94 26.49
CA LYS A 318 -11.85 14.50 26.30
C LYS A 318 -12.79 14.17 25.15
N SER A 319 -13.89 14.91 25.06
CA SER A 319 -14.86 14.70 23.99
CA SER A 319 -14.87 14.70 24.00
C SER A 319 -14.27 15.03 22.63
N PHE A 320 -13.55 16.15 22.55
CA PHE A 320 -12.97 16.51 21.26
C PHE A 320 -11.88 15.54 20.86
N LEU A 321 -11.12 15.04 21.83
CA LEU A 321 -10.09 14.06 21.52
C LEU A 321 -10.74 12.82 20.89
N GLU A 322 -11.88 12.41 21.45
CA GLU A 322 -12.65 11.31 20.89
C GLU A 322 -13.15 11.66 19.49
N ASP A 323 -13.53 12.91 19.27
CA ASP A 323 -13.93 13.34 17.91
C ASP A 323 -12.79 13.15 16.91
N ILE A 324 -11.57 13.51 17.32
CA ILE A 324 -10.41 13.34 16.45
C ILE A 324 -10.22 11.86 16.13
N ARG A 325 -10.36 11.01 17.13
CA ARG A 325 -10.18 9.56 16.93
C ARG A 325 -11.16 9.06 15.89
N LYS A 326 -12.41 9.49 16.01
CA LYS A 326 -13.44 9.05 15.07
C LYS A 326 -13.27 9.65 13.67
N ALA A 327 -12.77 10.88 13.60
CA ALA A 327 -12.46 11.50 12.31
C ALA A 327 -11.36 10.70 11.61
N LEU A 328 -10.37 10.28 12.37
CA LEU A 328 -9.26 9.49 11.83
C LEU A 328 -9.78 8.15 11.30
N TYR A 329 -10.60 7.48 12.10
CA TYR A 329 -11.14 6.18 11.70
C TYR A 329 -11.99 6.29 10.43
N ALA A 330 -12.92 7.24 10.41
CA ALA A 330 -13.78 7.41 9.25
C ALA A 330 -12.96 7.76 8.01
N SER A 331 -11.96 8.63 8.18
CA SER A 331 -11.17 9.05 7.03
C SER A 331 -10.37 7.87 6.49
N LYS A 332 -9.89 7.02 7.40
CA LYS A 332 -9.18 5.82 7.00
C LYS A 332 -10.09 4.88 6.18
N ILE A 333 -11.34 4.73 6.63
CA ILE A 333 -12.30 3.91 5.90
C ILE A 333 -12.43 4.44 4.47
N ILE A 334 -12.58 5.75 4.32
CA ILE A 334 -12.70 6.32 2.98
C ILE A 334 -11.44 6.06 2.15
N SER A 335 -10.26 6.20 2.76
CA SER A 335 -9.03 5.99 1.99
C SER A 335 -8.97 4.58 1.42
N TYR A 336 -9.26 3.59 2.25
CA TYR A 336 -9.22 2.20 1.79
C TYR A 336 -10.34 1.91 0.80
N ALA A 337 -11.51 2.50 1.00
CA ALA A 337 -12.56 2.33 0.01
C ALA A 337 -12.05 2.83 -1.35
N GLN A 338 -11.37 3.96 -1.35
CA GLN A 338 -10.80 4.52 -2.57
C GLN A 338 -9.73 3.62 -3.18
N GLY A 339 -8.84 3.09 -2.35
CA GLY A 339 -7.78 2.21 -2.83
C GLY A 339 -8.38 0.98 -3.47
N PHE A 340 -9.41 0.42 -2.85
CA PHE A 340 -10.07 -0.75 -3.43
C PHE A 340 -10.84 -0.43 -4.72
N MET A 341 -11.33 0.81 -4.85
CA MET A 341 -11.93 1.24 -6.11
C MET A 341 -10.89 1.23 -7.22
N LEU A 342 -9.66 1.62 -6.89
CA LEU A 342 -8.59 1.61 -7.89
C LEU A 342 -8.27 0.17 -8.32
N LEU A 343 -8.18 -0.74 -7.35
CA LEU A 343 -7.98 -2.15 -7.68
C LEU A 343 -9.08 -2.66 -8.60
N ARG A 344 -10.32 -2.32 -8.26
CA ARG A 344 -11.47 -2.74 -9.05
C ARG A 344 -11.38 -2.23 -10.48
N GLN A 345 -10.93 -0.98 -10.64
CA GLN A 345 -10.86 -0.40 -11.97
C GLN A 345 -9.78 -1.07 -12.80
N ALA A 346 -8.65 -1.37 -12.17
CA ALA A 346 -7.58 -2.05 -12.89
C ALA A 346 -8.07 -3.42 -13.35
N ALA A 347 -8.80 -4.11 -12.47
CA ALA A 347 -9.37 -5.41 -12.83
C ALA A 347 -10.24 -5.28 -14.08
N THR A 348 -11.05 -4.22 -14.12
CA THR A 348 -11.93 -4.01 -15.25
C THR A 348 -11.12 -3.75 -16.51
N GLU A 349 -10.13 -2.88 -16.41
CA GLU A 349 -9.32 -2.49 -17.57
C GLU A 349 -8.61 -3.68 -18.21
N PHE A 350 -8.03 -4.54 -17.37
CA PHE A 350 -7.25 -5.67 -17.85
C PHE A 350 -7.96 -7.03 -17.88
N GLY A 351 -9.20 -7.07 -17.40
CA GLY A 351 -9.92 -8.33 -17.30
C GLY A 351 -9.34 -9.25 -16.25
N TRP A 352 -8.77 -8.66 -15.20
CA TRP A 352 -8.20 -9.43 -14.10
C TRP A 352 -9.25 -9.87 -13.08
N THR A 353 -9.04 -11.03 -12.50
CA THR A 353 -9.83 -11.49 -11.35
C THR A 353 -8.98 -11.30 -10.10
N LEU A 354 -9.40 -10.39 -9.22
CA LEU A 354 -8.58 -10.05 -8.06
C LEU A 354 -9.11 -10.66 -6.76
N ASN A 355 -8.20 -11.05 -5.88
CA ASN A 355 -8.64 -11.69 -4.66
C ASN A 355 -8.64 -10.58 -3.61
N TYR A 356 -9.81 -9.98 -3.43
CA TYR A 356 -9.88 -8.73 -2.65
C TYR A 356 -9.67 -9.01 -1.18
N GLY A 357 -10.36 -10.03 -0.67
CA GLY A 357 -10.19 -10.42 0.71
C GLY A 357 -8.77 -10.85 0.99
N GLY A 358 -8.18 -11.58 0.06
CA GLY A 358 -6.79 -12.03 0.21
C GLY A 358 -5.83 -10.85 0.25
N ILE A 359 -6.11 -9.83 -0.55
CA ILE A 359 -5.25 -8.65 -0.56
C ILE A 359 -5.27 -7.97 0.81
N ALA A 360 -6.46 -7.82 1.39
CA ALA A 360 -6.56 -7.26 2.73
C ALA A 360 -5.69 -8.04 3.73
N LEU A 361 -5.73 -9.36 3.63
CA LEU A 361 -4.93 -10.21 4.51
C LEU A 361 -3.44 -10.03 4.25
N MET A 362 -3.08 -9.97 2.96
CA MET A 362 -1.68 -9.77 2.59
C MET A 362 -1.12 -8.44 3.09
N TRP A 363 -2.00 -7.47 3.35
CA TRP A 363 -1.55 -6.16 3.81
C TRP A 363 -1.35 -6.08 5.33
N ARG A 364 -1.62 -7.19 5.99
CA ARG A 364 -1.26 -7.41 7.38
C ARG A 364 0.13 -8.04 7.39
N GLY A 365 0.54 -8.65 8.49
CA GLY A 365 1.82 -9.37 8.47
C GLY A 365 3.04 -8.48 8.43
N GLY A 366 3.86 -8.63 7.39
CA GLY A 366 5.06 -7.81 7.26
C GLY A 366 4.85 -6.34 6.93
N CYS A 367 3.67 -5.98 6.46
CA CYS A 367 3.43 -4.61 5.99
C CYS A 367 3.37 -3.60 7.12
N ILE A 368 3.94 -2.43 6.86
CA ILE A 368 3.88 -1.29 7.78
C ILE A 368 2.42 -0.91 8.09
N ILE A 369 1.53 -1.09 7.11
CA ILE A 369 0.15 -0.68 7.27
C ILE A 369 -0.69 -1.70 8.05
N ARG A 370 -0.07 -2.78 8.52
CA ARG A 370 -0.82 -3.82 9.21
C ARG A 370 -1.71 -3.28 10.34
N SER A 371 -2.93 -3.79 10.40
CA SER A 371 -3.92 -3.32 11.36
C SER A 371 -5.02 -4.35 11.55
N VAL A 372 -5.74 -4.23 12.67
CA VAL A 372 -6.93 -5.04 12.89
C VAL A 372 -8.02 -4.64 11.87
N PHE A 373 -8.04 -3.35 11.53
CA PHE A 373 -8.93 -2.78 10.53
C PHE A 373 -8.88 -3.56 9.20
N LEU A 374 -7.68 -3.93 8.77
CA LEU A 374 -7.52 -4.72 7.56
C LEU A 374 -8.22 -6.09 7.64
N GLY A 375 -8.26 -6.67 8.83
CA GLY A 375 -9.01 -7.89 9.05
C GLY A 375 -10.51 -7.67 8.83
N LYS A 376 -10.99 -6.47 9.18
CA LYS A 376 -12.39 -6.13 8.97
C LYS A 376 -12.70 -5.99 7.48
N ILE A 377 -11.72 -5.50 6.72
CA ILE A 377 -11.89 -5.43 5.27
C ILE A 377 -11.98 -6.84 4.69
N LYS A 378 -11.08 -7.71 5.13
CA LYS A 378 -11.19 -9.12 4.73
C LYS A 378 -12.57 -9.68 5.06
N ASP A 379 -13.06 -9.41 6.26
CA ASP A 379 -14.39 -9.86 6.69
C ASP A 379 -15.48 -9.40 5.72
N ALA A 380 -15.38 -8.15 5.25
CA ALA A 380 -16.38 -7.59 4.35
C ALA A 380 -16.44 -8.38 3.04
N PHE A 381 -15.27 -8.68 2.49
CA PHE A 381 -15.23 -9.45 1.24
C PHE A 381 -15.57 -10.92 1.46
N ASP A 382 -15.29 -11.44 2.65
CA ASP A 382 -15.70 -12.81 2.96
C ASP A 382 -17.24 -12.91 3.08
N ARG A 383 -17.86 -11.88 3.68
CA ARG A 383 -19.32 -11.83 3.77
C ARG A 383 -19.94 -11.72 2.39
N ASN A 384 -19.34 -10.90 1.54
CA ASN A 384 -19.80 -10.64 0.18
C ASN A 384 -18.65 -10.50 -0.81
N PRO A 385 -18.16 -11.60 -1.38
CA PRO A 385 -17.04 -11.48 -2.31
C PRO A 385 -17.34 -10.59 -3.54
N GLU A 386 -18.63 -10.32 -3.77
CA GLU A 386 -19.06 -9.45 -4.87
C GLU A 386 -19.19 -7.97 -4.46
N LEU A 387 -18.78 -7.66 -3.23
CA LEU A 387 -18.93 -6.31 -2.71
C LEU A 387 -18.34 -5.28 -3.67
N GLN A 388 -19.16 -4.30 -4.05
CA GLN A 388 -18.74 -3.28 -5.02
C GLN A 388 -17.93 -2.10 -4.47
N ASN A 389 -18.23 -1.73 -3.23
CA ASN A 389 -17.50 -0.67 -2.57
C ASN A 389 -17.48 -0.95 -1.08
N LEU A 390 -16.34 -0.70 -0.45
CA LEU A 390 -16.20 -0.96 0.97
C LEU A 390 -17.26 -0.20 1.79
N LEU A 391 -17.63 1.01 1.34
CA LEU A 391 -18.58 1.82 2.09
C LEU A 391 -19.95 1.18 2.23
N LEU A 392 -20.27 0.23 1.35
CA LEU A 392 -21.58 -0.43 1.34
C LEU A 392 -21.66 -1.65 2.26
N ASP A 393 -20.52 -2.10 2.75
CA ASP A 393 -20.53 -3.21 3.71
C ASP A 393 -21.15 -2.74 5.03
N ASP A 394 -21.94 -3.59 5.66
CA ASP A 394 -22.68 -3.16 6.85
C ASP A 394 -21.77 -2.70 8.00
N PHE A 395 -20.63 -3.34 8.18
CA PHE A 395 -19.71 -2.94 9.23
C PHE A 395 -19.18 -1.53 8.97
N PHE A 396 -18.75 -1.28 7.73
CA PHE A 396 -18.17 0.02 7.43
C PHE A 396 -19.20 1.13 7.32
N LYS A 397 -20.39 0.78 6.84
CA LYS A 397 -21.52 1.69 6.82
C LYS A 397 -21.85 2.14 8.25
N SER A 398 -21.95 1.18 9.16
CA SER A 398 -22.23 1.47 10.56
CA SER A 398 -22.24 1.46 10.56
C SER A 398 -21.13 2.30 11.19
N ALA A 399 -19.89 1.96 10.89
CA ALA A 399 -18.76 2.69 11.45
C ALA A 399 -18.79 4.16 11.01
N VAL A 400 -18.95 4.40 9.72
CA VAL A 400 -18.95 5.78 9.24
C VAL A 400 -20.14 6.54 9.83
N GLU A 401 -21.31 5.92 9.85
CA GLU A 401 -22.49 6.56 10.42
C GLU A 401 -22.24 6.93 11.88
N ASN A 402 -21.60 6.03 12.63
CA ASN A 402 -21.33 6.30 14.04
CA ASN A 402 -21.30 6.26 14.04
C ASN A 402 -20.26 7.36 14.26
N CYS A 403 -19.38 7.52 13.28
CA CYS A 403 -18.33 8.53 13.36
C CYS A 403 -18.63 9.89 12.76
N GLN A 404 -19.69 10.00 11.97
CA GLN A 404 -19.75 11.19 11.11
C GLN A 404 -19.98 12.51 11.85
N ASP A 405 -20.78 12.52 12.92
CA ASP A 405 -20.97 13.76 13.68
CA ASP A 405 -20.97 13.77 13.65
C ASP A 405 -19.64 14.25 14.25
N SER A 406 -18.89 13.32 14.83
CA SER A 406 -17.54 13.61 15.35
C SER A 406 -16.62 14.11 14.24
N TRP A 407 -16.70 13.44 13.09
CA TRP A 407 -15.87 13.77 11.94
C TRP A 407 -16.09 15.21 11.51
N ARG A 408 -17.36 15.60 11.39
CA ARG A 408 -17.71 16.96 10.98
C ARG A 408 -17.28 17.99 12.03
N ARG A 409 -17.43 17.65 13.30
CA ARG A 409 -17.00 18.52 14.38
C ARG A 409 -15.48 18.71 14.35
N ALA A 410 -14.75 17.62 14.12
CA ALA A 410 -13.30 17.71 14.12
C ALA A 410 -12.83 18.60 12.97
N VAL A 411 -13.43 18.39 11.80
CA VAL A 411 -13.06 19.17 10.62
C VAL A 411 -13.46 20.63 10.81
N SER A 412 -14.69 20.88 11.26
CA SER A 412 -15.16 22.24 11.48
CA SER A 412 -15.14 22.25 11.45
C SER A 412 -14.25 22.99 12.44
N THR A 413 -13.89 22.32 13.54
CA THR A 413 -13.04 22.93 14.54
C THR A 413 -11.63 23.19 13.99
N GLY A 414 -11.05 22.21 13.32
CA GLY A 414 -9.74 22.39 12.73
C GLY A 414 -9.72 23.55 11.74
N VAL A 415 -10.78 23.67 10.95
CA VAL A 415 -10.91 24.75 9.99
C VAL A 415 -10.95 26.12 10.70
N GLN A 416 -11.72 26.19 11.78
CA GLN A 416 -11.79 27.44 12.53
C GLN A 416 -10.45 27.78 13.17
N ALA A 417 -9.68 26.75 13.53
CA ALA A 417 -8.39 26.92 14.21
C ALA A 417 -7.24 27.14 13.23
N GLY A 418 -7.47 26.90 11.95
CA GLY A 418 -6.45 27.06 10.94
C GLY A 418 -5.46 25.91 10.82
N ILE A 419 -5.88 24.71 11.25
CA ILE A 419 -5.02 23.54 11.18
C ILE A 419 -5.22 22.85 9.83
N PRO A 420 -4.13 22.66 9.07
CA PRO A 420 -4.32 21.99 7.77
C PRO A 420 -4.72 20.53 7.95
N MET A 421 -5.78 20.11 7.27
CA MET A 421 -6.21 18.72 7.33
C MET A 421 -6.56 18.27 5.92
N PRO A 422 -5.57 18.23 5.04
CA PRO A 422 -5.90 17.91 3.64
C PRO A 422 -6.54 16.52 3.49
N CYS A 423 -6.12 15.56 4.30
CA CYS A 423 -6.69 14.21 4.20
C CYS A 423 -8.04 14.05 4.90
N PHE A 424 -8.19 14.59 6.12
CA PHE A 424 -9.50 14.54 6.78
C PHE A 424 -10.54 15.19 5.88
N THR A 425 -10.21 16.36 5.30
CA THR A 425 -11.20 17.12 4.55
C THR A 425 -11.53 16.47 3.22
N THR A 426 -10.51 15.95 2.53
CA THR A 426 -10.79 15.27 1.26
C THR A 426 -11.62 14.02 1.48
N ALA A 427 -11.40 13.34 2.60
CA ALA A 427 -12.15 12.11 2.87
C ALA A 427 -13.62 12.46 3.10
N LEU A 428 -13.86 13.51 3.87
CA LEU A 428 -15.24 13.93 4.15
C LEU A 428 -15.92 14.45 2.88
N SER A 429 -15.20 15.24 2.10
CA SER A 429 -15.75 15.75 0.83
C SER A 429 -16.12 14.57 -0.06
N PHE A 430 -15.26 13.56 -0.11
CA PHE A 430 -15.53 12.39 -0.92
C PHE A 430 -16.77 11.65 -0.44
N TYR A 431 -16.86 11.44 0.88
CA TYR A 431 -18.01 10.75 1.43
C TYR A 431 -19.28 11.50 1.07
N ASP A 432 -19.27 12.81 1.24
CA ASP A 432 -20.45 13.61 0.93
C ASP A 432 -20.77 13.60 -0.57
N GLY A 433 -19.76 13.48 -1.42
CA GLY A 433 -20.01 13.39 -2.85
C GLY A 433 -20.57 12.04 -3.26
N TYR A 434 -19.94 10.98 -2.77
CA TYR A 434 -20.31 9.61 -3.14
C TYR A 434 -21.74 9.26 -2.73
N ARG A 435 -22.18 9.78 -1.58
CA ARG A 435 -23.51 9.46 -1.07
C ARG A 435 -24.64 10.29 -1.70
N HIS A 436 -24.30 11.30 -2.49
CA HIS A 436 -25.32 12.16 -3.12
C HIS A 436 -25.78 11.59 -4.47
N GLU A 437 -27.08 11.34 -4.61
CA GLU A 437 -27.61 10.94 -5.92
C GLU A 437 -27.34 12.02 -6.97
N MET A 438 -27.54 13.28 -6.59
CA MET A 438 -27.36 14.40 -7.48
C MET A 438 -26.15 15.24 -7.06
N LEU A 439 -25.25 15.49 -8.01
CA LEU A 439 -24.12 16.39 -7.81
C LEU A 439 -24.20 17.52 -8.84
N PRO A 440 -23.54 18.66 -8.55
CA PRO A 440 -23.54 19.83 -9.45
C PRO A 440 -22.80 19.63 -10.78
N ALA A 441 -22.17 18.48 -10.97
CA ALA A 441 -21.43 18.21 -12.21
C ALA A 441 -22.24 18.43 -13.48
N SER A 442 -23.57 18.37 -13.38
CA SER A 442 -24.43 18.74 -14.51
C SER A 442 -24.14 20.15 -15.00
N LEU A 443 -23.74 21.03 -14.09
CA LEU A 443 -23.38 22.40 -14.48
C LEU A 443 -22.10 22.44 -15.33
N ILE A 444 -21.14 21.56 -15.04
CA ILE A 444 -19.97 21.44 -15.90
C ILE A 444 -20.39 21.01 -17.31
N GLN A 445 -21.30 20.05 -17.39
CA GLN A 445 -21.78 19.60 -18.70
C GLN A 445 -22.49 20.73 -19.44
N ALA A 446 -23.29 21.51 -18.72
CA ALA A 446 -23.97 22.62 -19.35
C ALA A 446 -22.96 23.68 -19.82
N GLN A 447 -21.96 23.95 -18.99
CA GLN A 447 -20.95 24.95 -19.35
C GLN A 447 -20.25 24.55 -20.64
N ARG A 448 -19.82 23.30 -20.72
CA ARG A 448 -19.11 22.84 -21.91
C ARG A 448 -20.00 22.86 -23.16
N ASP A 449 -21.28 22.59 -22.97
CA ASP A 449 -22.20 22.65 -24.11
C ASP A 449 -22.40 24.11 -24.54
N TYR A 450 -22.46 25.00 -23.55
CA TYR A 450 -22.65 26.40 -23.83
C TYR A 450 -21.46 26.97 -24.61
N PHE A 451 -20.26 26.79 -24.08
CA PHE A 451 -19.09 27.40 -24.73
C PHE A 451 -18.51 26.63 -25.92
N GLY A 452 -18.51 25.30 -25.85
CA GLY A 452 -18.01 24.45 -26.92
C GLY A 452 -18.94 23.55 -27.72
N ALA A 453 -20.26 23.67 -27.52
CA ALA A 453 -21.20 22.72 -28.13
C ALA A 453 -20.79 21.25 -27.90
N HIS A 454 -20.26 20.95 -26.72
CA HIS A 454 -19.74 19.61 -26.39
C HIS A 454 -20.81 18.53 -26.21
N THR A 455 -22.03 19.02 -26.13
CA THR A 455 -23.31 18.49 -25.64
C THR A 455 -23.39 17.95 -24.20
N TYR A 456 -24.48 17.26 -23.91
CA TYR A 456 -24.81 16.86 -22.55
C TYR A 456 -25.86 15.77 -22.67
N GLU A 457 -26.09 15.03 -21.60
CA GLU A 457 -27.16 14.04 -21.57
C GLU A 457 -28.26 14.49 -20.63
N LEU A 458 -29.50 14.12 -20.95
CA LEU A 458 -30.59 14.27 -20.02
C LEU A 458 -30.61 13.11 -19.03
N LEU A 459 -30.95 13.39 -17.78
CA LEU A 459 -31.11 12.34 -16.78
C LEU A 459 -32.00 11.20 -17.31
N ALA A 460 -33.07 11.58 -18.00
CA ALA A 460 -34.07 10.62 -18.48
C ALA A 460 -33.63 9.80 -19.69
N LYS A 461 -32.57 10.25 -20.37
CA LYS A 461 -32.10 9.56 -21.57
C LYS A 461 -30.57 9.48 -21.63
N PRO A 462 -29.97 8.70 -20.73
CA PRO A 462 -28.50 8.55 -20.76
C PRO A 462 -28.02 7.97 -22.07
N GLY A 463 -26.86 8.42 -22.54
CA GLY A 463 -26.27 7.88 -23.76
C GLY A 463 -26.70 8.61 -25.02
N GLN A 464 -27.62 9.55 -24.89
CA GLN A 464 -28.05 10.37 -26.03
C GLN A 464 -27.53 11.77 -25.82
N PHE A 465 -26.73 12.24 -26.78
CA PHE A 465 -26.02 13.51 -26.61
C PHE A 465 -26.73 14.67 -27.30
N ILE A 466 -27.03 15.69 -26.50
CA ILE A 466 -27.86 16.81 -26.93
C ILE A 466 -27.09 18.11 -26.91
N HIS A 467 -27.26 18.91 -27.96
CA HIS A 467 -26.78 20.28 -27.92
C HIS A 467 -27.94 21.26 -27.86
N THR A 468 -27.86 22.20 -26.92
CA THR A 468 -28.85 23.25 -26.78
C THR A 468 -28.26 24.57 -27.25
N ASN A 469 -29.07 25.42 -27.88
CA ASN A 469 -28.55 26.74 -28.23
C ASN A 469 -28.91 27.61 -27.06
N TRP A 470 -27.90 27.92 -26.24
CA TRP A 470 -28.13 28.56 -24.95
C TRP A 470 -28.32 30.05 -25.13
N THR A 471 -27.73 30.58 -26.20
CA THR A 471 -27.79 32.00 -26.49
C THR A 471 -28.71 32.23 -27.69
C1 3PG B . 6.32 18.30 26.77
O1 3PG B . 6.85 17.23 27.11
O2 3PG B . 5.30 18.41 26.05
C2 3PG B . 6.97 19.57 27.31
O3 3PG B . 6.41 20.77 26.74
C3 3PG B . 8.47 19.54 27.06
O1P 3PG B . 8.73 19.65 25.66
P 3PG B . 10.16 19.22 25.07
O2P 3PG B . 11.16 20.44 25.45
O3P 3PG B . 10.68 17.90 25.84
O4P 3PG B . 10.12 19.04 23.59
O1 MES C . 8.47 6.18 -15.82
C2 MES C . 8.43 4.84 -16.32
C3 MES C . 7.15 4.14 -15.88
N4 MES C . 7.08 4.09 -14.41
C5 MES C . 7.14 5.46 -13.89
C6 MES C . 8.43 6.15 -14.36
C7 MES C . 5.85 3.41 -13.97
C8 MES C . 5.70 3.43 -12.45
S MES C . 4.22 2.46 -11.98
O1S MES C . 4.53 1.00 -12.36
O2S MES C . 3.96 2.55 -10.48
O3S MES C . 3.01 2.92 -12.77
O1 MES D . 20.18 1.43 5.07
C2 MES D . 20.44 0.04 4.85
C3 MES D . 19.17 -0.63 4.34
N4 MES D . 18.11 -0.50 5.36
C5 MES D . 17.88 0.94 5.57
C6 MES D . 19.14 1.59 6.06
C7 MES D . 16.89 -1.15 4.88
C8 MES D . 15.80 -1.02 5.94
S MES D . 14.30 -1.86 5.32
O1S MES D . 14.62 -3.32 5.07
O2S MES D . 13.19 -1.74 6.35
O3S MES D . 13.87 -1.20 4.00
C1 3PG E . 8.06 5.82 1.20
O1 3PG E . 7.96 6.59 2.18
O2 3PG E . 7.56 4.68 1.09
C2 3PG E . 8.85 6.38 0.04
O3 3PG E . 8.24 7.59 -0.31
C3 3PG E . 8.85 5.48 -1.18
O1P 3PG E . 9.57 6.11 -2.26
P 3PG E . 11.11 6.49 -2.15
O2P 3PG E . 11.92 5.16 -2.56
O3P 3PG E . 11.40 7.53 -3.37
O4P 3PG E . 11.52 7.04 -0.83
#